data_8EZT
#
_entry.id   8EZT
#
_cell.length_a   59.444
_cell.length_b   33.488
_cell.length_c   74.161
_cell.angle_alpha   90.000
_cell.angle_beta   102.730
_cell.angle_gamma   90.000
#
_symmetry.space_group_name_H-M   'P 1 2 1'
#
loop_
_entity.id
_entity.type
_entity.pdbx_description
1 polymer HipB(Lp)
2 non-polymer 'CHLORIDE ION'
3 water water
#
_entity_poly.entity_id   1
_entity_poly.type   'polypeptide(L)'
_entity_poly.pdbx_seq_one_letter_code
;GMPKHEIANLIHYYRKQSGLSQQELARLAGVGKTVIYDIEKGKESVRLNTLLKVLDVLNIQIKFETPFPQTTDNNS
;
_entity_poly.pdbx_strand_id   A,B,C,D
#
loop_
_chem_comp.id
_chem_comp.type
_chem_comp.name
_chem_comp.formula
CL non-polymer 'CHLORIDE ION' 'Cl -1'
#
# COMPACT_ATOMS: atom_id res chain seq x y z
N MET A 2 35.84 13.73 -12.80
CA MET A 2 34.38 13.68 -12.74
C MET A 2 33.86 14.85 -11.91
N PRO A 3 32.74 15.45 -12.34
CA PRO A 3 32.14 16.54 -11.57
C PRO A 3 31.93 16.15 -10.11
N LYS A 4 32.09 17.13 -9.22
CA LYS A 4 32.18 16.85 -7.79
C LYS A 4 30.85 16.39 -7.22
N HIS A 5 29.73 16.77 -7.83
CA HIS A 5 28.41 16.40 -7.34
C HIS A 5 27.64 15.57 -8.35
N GLU A 6 28.35 14.85 -9.22
CA GLU A 6 27.69 13.93 -10.16
C GLU A 6 27.04 12.77 -9.41
N ILE A 7 27.81 12.10 -8.55
CA ILE A 7 27.27 10.96 -7.82
C ILE A 7 26.36 11.41 -6.69
N ALA A 8 26.59 12.60 -6.14
CA ALA A 8 25.71 13.12 -5.10
C ALA A 8 24.27 13.24 -5.60
N ASN A 9 24.08 13.93 -6.73
CA ASN A 9 22.74 14.05 -7.29
C ASN A 9 22.26 12.73 -7.88
N LEU A 10 23.19 11.88 -8.36
CA LEU A 10 22.79 10.59 -8.91
C LEU A 10 22.12 9.72 -7.85
N ILE A 11 22.72 9.65 -6.66
CA ILE A 11 22.13 8.85 -5.59
C ILE A 11 20.84 9.49 -5.09
N HIS A 12 20.86 10.81 -4.88
CA HIS A 12 19.71 11.49 -4.31
C HIS A 12 18.49 11.40 -5.23
N TYR A 13 18.69 11.68 -6.53
CA TYR A 13 17.56 11.68 -7.46
C TYR A 13 16.89 10.32 -7.51
N TYR A 14 17.66 9.26 -7.72
CA TYR A 14 17.09 7.93 -7.87
C TYR A 14 16.63 7.33 -6.56
N ARG A 15 17.13 7.81 -5.42
CA ARG A 15 16.59 7.40 -4.13
C ARG A 15 15.23 8.04 -3.89
N LYS A 16 15.13 9.36 -4.09
CA LYS A 16 13.84 10.03 -3.97
C LYS A 16 12.82 9.46 -4.94
N GLN A 17 13.25 9.16 -6.17
CA GLN A 17 12.34 8.58 -7.15
C GLN A 17 11.93 7.16 -6.77
N SER A 18 12.72 6.48 -5.94
CA SER A 18 12.38 5.15 -5.45
C SER A 18 11.56 5.19 -4.17
N GLY A 19 11.26 6.39 -3.65
CA GLY A 19 10.48 6.51 -2.43
C GLY A 19 11.21 6.15 -1.17
N LEU A 20 12.52 5.91 -1.25
CA LEU A 20 13.30 5.50 -0.08
C LEU A 20 13.80 6.71 0.69
N SER A 21 13.71 6.63 2.01
CA SER A 21 14.47 7.54 2.85
C SER A 21 15.92 7.11 2.87
N GLN A 22 16.78 7.98 3.39
CA GLN A 22 18.19 7.63 3.46
C GLN A 22 18.46 6.57 4.52
N GLN A 23 17.57 6.43 5.51
CA GLN A 23 17.68 5.30 6.43
C GLN A 23 17.29 4.00 5.75
N GLU A 24 16.23 4.04 4.93
CA GLU A 24 15.79 2.83 4.24
C GLU A 24 16.79 2.41 3.17
N LEU A 25 17.38 3.37 2.46
CA LEU A 25 18.40 3.03 1.48
C LEU A 25 19.65 2.48 2.15
N ALA A 26 20.00 2.98 3.33
CA ALA A 26 21.15 2.44 4.06
C ALA A 26 20.87 1.03 4.57
N ARG A 27 19.66 0.79 5.09
CA ARG A 27 19.33 -0.54 5.60
C ARG A 27 19.29 -1.56 4.47
N LEU A 28 18.79 -1.17 3.31
CA LEU A 28 18.73 -2.10 2.18
C LEU A 28 20.12 -2.44 1.67
N ALA A 29 21.01 -1.45 1.56
CA ALA A 29 22.36 -1.67 1.09
C ALA A 29 23.27 -2.27 2.14
N GLY A 30 22.82 -2.37 3.39
CA GLY A 30 23.66 -2.89 4.45
C GLY A 30 24.83 -2.01 4.80
N VAL A 31 24.71 -0.70 4.58
CA VAL A 31 25.79 0.24 4.85
C VAL A 31 25.33 1.21 5.92
N GLY A 32 26.28 1.99 6.43
CA GLY A 32 25.98 2.94 7.47
C GLY A 32 25.11 4.08 6.97
N LYS A 33 24.26 4.58 7.87
CA LYS A 33 23.40 5.71 7.51
C LYS A 33 24.22 6.94 7.16
N THR A 34 25.30 7.18 7.90
CA THR A 34 26.15 8.34 7.65
C THR A 34 26.76 8.30 6.25
N VAL A 35 26.84 7.12 5.63
CA VAL A 35 27.41 7.02 4.29
C VAL A 35 26.49 7.66 3.27
N ILE A 36 25.17 7.46 3.42
CA ILE A 36 24.22 8.06 2.48
C ILE A 36 24.24 9.57 2.59
N TYR A 37 24.29 10.10 3.82
CA TYR A 37 24.42 11.53 4.02
C TYR A 37 25.67 12.09 3.34
N ASP A 38 26.80 11.39 3.51
CA ASP A 38 28.06 11.90 2.97
C ASP A 38 28.09 11.86 1.45
N ILE A 39 27.56 10.79 0.85
CA ILE A 39 27.54 10.69 -0.61
C ILE A 39 26.68 11.79 -1.20
N GLU A 40 25.45 11.94 -0.69
CA GLU A 40 24.55 12.96 -1.22
C GLU A 40 25.04 14.37 -0.95
N LYS A 41 25.94 14.55 0.01
CA LYS A 41 26.54 15.85 0.25
C LYS A 41 27.68 16.16 -0.72
N GLY A 42 28.07 15.20 -1.55
CA GLY A 42 29.15 15.38 -2.49
C GLY A 42 30.49 14.83 -2.06
N LYS A 43 30.56 14.18 -0.89
CA LYS A 43 31.83 13.62 -0.43
C LYS A 43 32.14 12.33 -1.18
N GLU A 44 33.40 12.17 -1.57
CA GLU A 44 33.83 11.05 -2.38
C GLU A 44 34.79 10.12 -1.66
N SER A 45 34.90 10.22 -0.34
CA SER A 45 35.73 9.32 0.44
C SER A 45 35.04 8.00 0.74
N VAL A 46 33.90 7.73 0.10
CA VAL A 46 33.19 6.47 0.32
C VAL A 46 33.94 5.33 -0.36
N ARG A 47 34.06 4.21 0.35
CA ARG A 47 34.64 3.02 -0.24
C ARG A 47 33.73 2.50 -1.36
N LEU A 48 34.35 1.88 -2.36
CA LEU A 48 33.58 1.55 -3.55
C LEU A 48 32.67 0.35 -3.33
N ASN A 49 33.13 -0.66 -2.60
CA ASN A 49 32.25 -1.75 -2.24
C ASN A 49 31.03 -1.25 -1.45
N THR A 50 31.20 -0.14 -0.72
CA THR A 50 30.06 0.49 -0.06
C THR A 50 29.18 1.19 -1.08
N LEU A 51 29.80 1.93 -2.01
CA LEU A 51 29.02 2.67 -3.01
C LEU A 51 28.26 1.74 -3.93
N LEU A 52 28.87 0.62 -4.32
CA LEU A 52 28.20 -0.32 -5.20
CA LEU A 52 28.20 -0.32 -5.21
C LEU A 52 27.01 -0.98 -4.53
N LYS A 53 27.08 -1.21 -3.22
CA LYS A 53 25.93 -1.75 -2.51
C LYS A 53 24.76 -0.77 -2.53
N VAL A 54 25.06 0.53 -2.54
CA VAL A 54 24.00 1.53 -2.66
C VAL A 54 23.46 1.57 -4.08
N LEU A 55 24.35 1.51 -5.07
CA LEU A 55 23.93 1.62 -6.46
C LEU A 55 23.08 0.43 -6.90
N ASP A 56 23.38 -0.76 -6.38
CA ASP A 56 22.64 -1.95 -6.80
C ASP A 56 21.20 -1.92 -6.30
N VAL A 57 20.99 -1.44 -5.06
CA VAL A 57 19.63 -1.29 -4.55
C VAL A 57 18.83 -0.36 -5.43
N LEU A 58 19.46 0.69 -5.95
CA LEU A 58 18.83 1.63 -6.86
C LEU A 58 18.86 1.17 -8.31
N ASN A 59 19.38 -0.03 -8.57
CA ASN A 59 19.45 -0.59 -9.93
C ASN A 59 20.27 0.32 -10.86
N ILE A 60 21.38 0.83 -10.35
CA ILE A 60 22.32 1.62 -11.14
C ILE A 60 23.62 0.83 -11.25
N GLN A 61 24.12 0.66 -12.47
CA GLN A 61 25.35 -0.06 -12.71
C GLN A 61 26.40 0.90 -13.29
N ILE A 62 27.67 0.51 -13.14
CA ILE A 62 28.80 1.31 -13.56
C ILE A 62 29.40 0.72 -14.83
N LYS A 63 29.52 1.53 -15.86
CA LYS A 63 30.28 1.20 -17.06
C LYS A 63 31.50 2.10 -17.16
N PHE A 64 32.65 1.50 -17.50
CA PHE A 64 33.88 2.23 -17.73
C PHE A 64 34.09 2.39 -19.23
N GLU A 65 34.01 3.62 -19.72
CA GLU A 65 34.33 3.87 -21.12
C GLU A 65 35.84 4.00 -21.27
N THR A 66 36.40 3.23 -22.19
CA THR A 66 37.84 3.06 -22.28
C THR A 66 38.40 3.69 -23.55
N PRO A 67 39.67 4.13 -23.52
CA PRO A 67 40.22 4.81 -24.71
C PRO A 67 40.48 3.89 -25.89
N PHE A 68 40.52 2.57 -25.68
CA PHE A 68 40.75 1.62 -26.77
C PHE A 68 40.27 0.25 -26.33
N PRO A 69 39.89 -0.62 -27.27
CA PRO A 69 39.83 -0.40 -28.72
C PRO A 69 38.56 0.33 -29.12
N GLN A 70 38.41 0.69 -30.39
CA GLN A 70 37.22 1.38 -30.87
C GLN A 70 35.95 0.55 -30.66
N GLY B 1 3.17 4.33 -2.86
CA GLY B 1 4.18 4.71 -3.84
C GLY B 1 3.99 6.11 -4.39
N MET B 2 4.31 7.12 -3.58
CA MET B 2 4.14 8.50 -4.05
C MET B 2 5.08 8.85 -5.18
N PRO B 3 6.39 8.59 -5.12
CA PRO B 3 7.25 8.86 -6.28
C PRO B 3 6.92 7.94 -7.44
N LYS B 4 7.29 8.40 -8.64
CA LYS B 4 6.86 7.74 -9.87
C LYS B 4 7.48 6.36 -10.02
N HIS B 5 8.66 6.13 -9.46
CA HIS B 5 9.39 4.87 -9.66
C HIS B 5 9.58 4.10 -8.36
N GLU B 6 8.79 4.39 -7.33
CA GLU B 6 8.89 3.62 -6.09
C GLU B 6 8.46 2.18 -6.31
N ILE B 7 7.28 1.98 -6.90
CA ILE B 7 6.79 0.61 -7.13
C ILE B 7 7.65 -0.08 -8.18
N ALA B 8 8.12 0.67 -9.19
CA ALA B 8 8.95 0.09 -10.23
C ALA B 8 10.20 -0.56 -9.65
N ASN B 9 10.92 0.19 -8.80
CA ASN B 9 12.11 -0.37 -8.17
C ASN B 9 11.77 -1.31 -7.02
N LEU B 10 10.58 -1.19 -6.43
CA LEU B 10 10.16 -2.13 -5.40
C LEU B 10 9.98 -3.53 -6.00
N ILE B 11 9.29 -3.62 -7.14
CA ILE B 11 9.08 -4.92 -7.77
C ILE B 11 10.40 -5.46 -8.32
N HIS B 12 11.18 -4.61 -9.00
CA HIS B 12 12.42 -5.07 -9.61
C HIS B 12 13.41 -5.57 -8.56
N TYR B 13 13.62 -4.79 -7.50
CA TYR B 13 14.63 -5.15 -6.52
C TYR B 13 14.33 -6.49 -5.86
N TYR B 14 13.08 -6.68 -5.41
CA TYR B 14 12.74 -7.91 -4.72
C TYR B 14 12.53 -9.08 -5.66
N ARG B 15 12.24 -8.83 -6.94
CA ARG B 15 12.23 -9.91 -7.91
C ARG B 15 13.64 -10.42 -8.18
N LYS B 16 14.60 -9.51 -8.33
CA LYS B 16 15.99 -9.92 -8.53
C LYS B 16 16.55 -10.59 -7.29
N GLN B 17 16.26 -10.04 -6.10
CA GLN B 17 16.72 -10.66 -4.86
C GLN B 17 16.10 -12.03 -4.65
N SER B 18 14.95 -12.30 -5.25
CA SER B 18 14.33 -13.61 -5.21
C SER B 18 14.81 -14.52 -6.33
N GLY B 19 15.70 -14.05 -7.19
CA GLY B 19 16.21 -14.87 -8.27
C GLY B 19 15.20 -15.20 -9.34
N LEU B 20 14.17 -14.39 -9.51
CA LEU B 20 13.13 -14.64 -10.49
C LEU B 20 13.35 -13.77 -11.73
N SER B 21 13.16 -14.36 -12.90
CA SER B 21 13.07 -13.58 -14.10
C SER B 21 11.68 -12.97 -14.23
N GLN B 22 11.55 -12.00 -15.13
CA GLN B 22 10.27 -11.32 -15.26
C GLN B 22 9.19 -12.25 -15.80
N GLN B 23 9.56 -13.23 -16.63
CA GLN B 23 8.58 -14.20 -17.10
C GLN B 23 8.24 -15.20 -16.01
N GLU B 24 9.23 -15.61 -15.22
CA GLU B 24 8.96 -16.50 -14.10
C GLU B 24 8.05 -15.83 -13.07
N LEU B 25 8.25 -14.53 -12.84
CA LEU B 25 7.39 -13.79 -11.92
C LEU B 25 5.98 -13.68 -12.47
N ALA B 26 5.85 -13.48 -13.79
CA ALA B 26 4.52 -13.36 -14.40
C ALA B 26 3.77 -14.68 -14.32
N ARG B 27 4.46 -15.80 -14.51
CA ARG B 27 3.81 -17.11 -14.44
C ARG B 27 3.34 -17.41 -13.03
N LEU B 28 4.15 -17.09 -12.02
CA LEU B 28 3.77 -17.35 -10.64
C LEU B 28 2.59 -16.49 -10.21
N ALA B 29 2.55 -15.24 -10.67
CA ALA B 29 1.45 -14.34 -10.35
C ALA B 29 0.24 -14.52 -11.26
N GLY B 30 0.35 -15.35 -12.30
CA GLY B 30 -0.74 -15.54 -13.23
C GLY B 30 -1.06 -14.34 -14.08
N VAL B 31 -0.07 -13.49 -14.35
CA VAL B 31 -0.26 -12.28 -15.13
C VAL B 31 0.64 -12.35 -16.36
N GLY B 32 0.51 -11.34 -17.22
CA GLY B 32 1.27 -11.33 -18.45
C GLY B 32 2.70 -10.85 -18.24
N LYS B 33 3.60 -11.35 -19.10
CA LYS B 33 4.99 -10.90 -19.05
C LYS B 33 5.09 -9.41 -19.32
N THR B 34 4.22 -8.87 -20.17
CA THR B 34 4.23 -7.44 -20.46
C THR B 34 3.89 -6.60 -19.24
N VAL B 35 3.04 -7.12 -18.35
CA VAL B 35 2.67 -6.36 -17.16
C VAL B 35 3.87 -6.16 -16.25
N ILE B 36 4.72 -7.18 -16.15
CA ILE B 36 5.94 -7.05 -15.34
C ILE B 36 6.88 -6.03 -15.96
N TYR B 37 6.98 -6.00 -17.29
CA TYR B 37 7.84 -5.01 -17.93
C TYR B 37 7.32 -3.59 -17.68
N ASP B 38 6.02 -3.39 -17.85
CA ASP B 38 5.45 -2.05 -17.67
C ASP B 38 5.60 -1.58 -16.23
N ILE B 39 5.38 -2.48 -15.27
CA ILE B 39 5.53 -2.11 -13.87
C ILE B 39 6.94 -1.66 -13.58
N GLU B 40 7.93 -2.44 -14.02
CA GLU B 40 9.32 -2.14 -13.71
C GLU B 40 9.86 -0.95 -14.49
N LYS B 41 9.17 -0.53 -15.55
CA LYS B 41 9.55 0.68 -16.28
C LYS B 41 8.92 1.93 -15.68
N GLY B 42 8.13 1.81 -14.62
CA GLY B 42 7.53 2.94 -13.96
C GLY B 42 6.07 3.17 -14.27
N LYS B 43 5.44 2.32 -15.07
CA LYS B 43 4.05 2.50 -15.44
C LYS B 43 3.14 2.21 -14.26
N GLU B 44 2.09 3.02 -14.10
CA GLU B 44 1.15 2.88 -13.00
C GLU B 44 -0.27 2.64 -13.47
N SER B 45 -0.46 2.25 -14.73
CA SER B 45 -1.78 1.91 -15.24
C SER B 45 -2.15 0.45 -14.96
N VAL B 46 -1.29 -0.29 -14.26
CA VAL B 46 -1.59 -1.68 -13.93
C VAL B 46 -2.78 -1.75 -12.99
N ARG B 47 -3.67 -2.70 -13.25
CA ARG B 47 -4.83 -2.89 -12.37
C ARG B 47 -4.38 -3.32 -10.99
N LEU B 48 -5.19 -3.00 -9.98
CA LEU B 48 -4.79 -3.23 -8.60
C LEU B 48 -4.75 -4.72 -8.29
N ASN B 49 -5.76 -5.47 -8.74
CA ASN B 49 -5.76 -6.92 -8.53
C ASN B 49 -4.53 -7.57 -9.17
N THR B 50 -4.10 -7.04 -10.32
CA THR B 50 -2.88 -7.54 -10.95
C THR B 50 -1.66 -7.23 -10.11
N LEU B 51 -1.59 -6.02 -9.55
CA LEU B 51 -0.44 -5.63 -8.76
C LEU B 51 -0.32 -6.46 -7.49
N LEU B 52 -1.44 -6.75 -6.82
CA LEU B 52 -1.38 -7.56 -5.60
C LEU B 52 -0.82 -8.94 -5.87
N LYS B 53 -1.28 -9.59 -6.95
CA LYS B 53 -0.79 -10.92 -7.27
C LYS B 53 0.71 -10.92 -7.49
N VAL B 54 1.26 -9.82 -8.03
CA VAL B 54 2.71 -9.71 -8.17
C VAL B 54 3.36 -9.46 -6.80
N LEU B 55 2.69 -8.69 -5.95
CA LEU B 55 3.21 -8.44 -4.60
C LEU B 55 3.13 -9.69 -3.74
N ASP B 56 2.09 -10.50 -3.92
CA ASP B 56 1.88 -11.66 -3.06
C ASP B 56 2.95 -12.73 -3.28
N VAL B 57 3.44 -12.88 -4.51
CA VAL B 57 4.47 -13.89 -4.75
C VAL B 57 5.83 -13.42 -4.23
N LEU B 58 6.03 -12.10 -4.14
CA LEU B 58 7.26 -11.54 -3.59
C LEU B 58 7.17 -11.29 -2.08
N ASN B 59 6.10 -11.75 -1.44
CA ASN B 59 5.89 -11.58 -0.01
C ASN B 59 5.91 -10.10 0.40
N ILE B 60 5.25 -9.26 -0.40
CA ILE B 60 5.10 -7.84 -0.10
C ILE B 60 3.62 -7.56 0.11
N GLN B 61 3.31 -6.90 1.23
CA GLN B 61 1.94 -6.53 1.56
C GLN B 61 1.79 -5.02 1.55
N ILE B 62 0.61 -4.56 1.15
CA ILE B 62 0.29 -3.14 1.13
C ILE B 62 -0.32 -2.77 2.48
N LYS B 63 0.23 -1.72 3.11
CA LYS B 63 -0.30 -1.20 4.36
C LYS B 63 -0.60 0.28 4.17
N PHE B 64 -1.80 0.70 4.56
CA PHE B 64 -2.26 2.06 4.35
C PHE B 64 -2.06 2.88 5.61
N GLU B 65 -1.37 4.02 5.46
CA GLU B 65 -1.21 4.98 6.55
C GLU B 65 -2.36 5.98 6.49
N THR B 66 -3.14 6.04 7.55
CA THR B 66 -4.31 6.89 7.59
C THR B 66 -4.10 8.07 8.53
N PRO B 67 -4.71 9.23 8.24
CA PRO B 67 -4.47 10.41 9.07
C PRO B 67 -5.24 10.42 10.39
N PHE B 68 -6.17 9.48 10.59
CA PHE B 68 -6.85 9.36 11.87
C PHE B 68 -7.39 7.95 12.00
N PRO B 69 -7.37 7.35 13.21
CA PRO B 69 -6.92 7.91 14.49
C PRO B 69 -5.40 7.94 14.62
N GLN B 70 -4.89 8.09 15.85
CA GLN B 70 -3.44 8.13 16.07
C GLN B 70 -2.82 6.77 15.81
N THR B 71 -3.17 5.77 16.62
CA THR B 71 -2.62 4.44 16.50
C THR B 71 -3.69 3.43 16.10
N GLY C 1 -3.03 -11.64 -0.67
CA GLY C 1 -3.05 -11.57 0.78
C GLY C 1 -4.03 -10.56 1.31
N MET C 2 -4.18 -9.45 0.60
CA MET C 2 -5.13 -8.42 1.01
C MET C 2 -6.53 -8.83 0.57
N PRO C 3 -7.52 -8.79 1.47
CA PRO C 3 -8.88 -9.22 1.10
C PRO C 3 -9.52 -8.23 0.13
N LYS C 4 -10.51 -8.74 -0.56
CA LYS C 4 -11.21 -8.06 -1.64
C LYS C 4 -12.04 -6.79 -1.40
N HIS C 5 -12.42 -6.49 -0.18
CA HIS C 5 -13.16 -5.27 0.10
C HIS C 5 -12.42 -4.36 1.07
N GLU C 6 -11.09 -4.44 1.08
CA GLU C 6 -10.31 -3.53 1.90
C GLU C 6 -10.32 -2.12 1.33
N ILE C 7 -10.00 -2.00 0.04
CA ILE C 7 -9.97 -0.68 -0.60
C ILE C 7 -11.36 -0.07 -0.61
N ALA C 8 -12.40 -0.90 -0.77
CA ALA C 8 -13.77 -0.39 -0.82
C ALA C 8 -14.13 0.35 0.47
N ASN C 9 -13.96 -0.32 1.61
CA ASN C 9 -14.28 0.33 2.89
C ASN C 9 -13.26 1.39 3.25
N LEU C 10 -12.01 1.23 2.81
CA LEU C 10 -11.00 2.25 3.07
C LEU C 10 -11.40 3.59 2.46
N ILE C 11 -11.73 3.59 1.17
CA ILE C 11 -12.08 4.84 0.51
C ILE C 11 -13.42 5.36 1.02
N HIS C 12 -14.40 4.48 1.23
CA HIS C 12 -15.73 4.91 1.64
C HIS C 12 -15.70 5.54 3.04
N TYR C 13 -15.05 4.86 3.99
CA TYR C 13 -15.04 5.36 5.36
C TYR C 13 -14.38 6.73 5.45
N TYR C 14 -13.24 6.89 4.80
CA TYR C 14 -12.50 8.14 4.90
C TYR C 14 -13.05 9.23 4.00
N ARG C 15 -13.83 8.88 2.98
CA ARG C 15 -14.56 9.91 2.25
C ARG C 15 -15.74 10.43 3.07
N LYS C 16 -16.47 9.52 3.71
CA LYS C 16 -17.61 9.94 4.53
C LYS C 16 -17.15 10.78 5.72
N GLN C 17 -16.06 10.37 6.37
CA GLN C 17 -15.55 11.15 7.50
C GLN C 17 -15.06 12.52 7.07
N SER C 18 -14.59 12.65 5.83
CA SER C 18 -14.13 13.92 5.30
C SER C 18 -15.26 14.79 4.78
N GLY C 19 -16.51 14.32 4.84
CA GLY C 19 -17.63 15.10 4.37
C GLY C 19 -17.71 15.29 2.88
N LEU C 20 -16.96 14.52 2.10
CA LEU C 20 -16.98 14.64 0.65
C LEU C 20 -18.04 13.72 0.05
N SER C 21 -18.74 14.22 -0.97
CA SER C 21 -19.58 13.36 -1.76
C SER C 21 -18.73 12.55 -2.74
N GLN C 22 -19.35 11.56 -3.38
CA GLN C 22 -18.66 10.81 -4.41
C GLN C 22 -18.20 11.73 -5.55
N GLN C 23 -19.06 12.67 -5.94
CA GLN C 23 -18.69 13.61 -6.99
C GLN C 23 -17.57 14.54 -6.53
N GLU C 24 -17.67 15.06 -5.30
CA GLU C 24 -16.65 15.97 -4.79
C GLU C 24 -15.28 15.30 -4.75
N LEU C 25 -15.23 14.05 -4.27
CA LEU C 25 -13.96 13.33 -4.26
C LEU C 25 -13.45 13.09 -5.66
N ALA C 26 -14.35 12.91 -6.63
CA ALA C 26 -13.94 12.69 -8.01
C ALA C 26 -13.36 13.95 -8.63
N ARG C 27 -13.98 15.11 -8.38
CA ARG C 27 -13.43 16.36 -8.89
C ARG C 27 -12.02 16.61 -8.35
N LEU C 28 -11.84 16.48 -7.03
CA LEU C 28 -10.56 16.75 -6.42
C LEU C 28 -9.49 15.78 -6.92
N ALA C 29 -9.85 14.51 -7.09
CA ALA C 29 -8.90 13.51 -7.57
C ALA C 29 -8.68 13.57 -9.07
N GLY C 30 -9.52 14.30 -9.81
CA GLY C 30 -9.37 14.36 -11.25
C GLY C 30 -9.81 13.11 -11.98
N VAL C 31 -10.66 12.29 -11.36
CA VAL C 31 -11.15 11.06 -11.96
C VAL C 31 -12.66 11.15 -12.12
N GLY C 32 -13.23 10.18 -12.81
CA GLY C 32 -14.67 10.14 -12.98
C GLY C 32 -15.38 9.73 -11.71
N LYS C 33 -16.64 10.18 -11.59
CA LYS C 33 -17.42 9.85 -10.40
C LYS C 33 -17.83 8.38 -10.38
N THR C 34 -18.05 7.79 -11.56
CA THR C 34 -18.31 6.36 -11.63
C THR C 34 -17.13 5.56 -11.09
N VAL C 35 -15.91 6.08 -11.28
CA VAL C 35 -14.72 5.40 -10.75
C VAL C 35 -14.78 5.32 -9.24
N ILE C 36 -15.15 6.43 -8.58
CA ILE C 36 -15.31 6.41 -7.13
C ILE C 36 -16.41 5.43 -6.74
N TYR C 37 -17.52 5.42 -7.50
CA TYR C 37 -18.59 4.46 -7.25
C TYR C 37 -18.09 3.03 -7.42
N ASP C 38 -17.26 2.78 -8.44
CA ASP C 38 -16.77 1.43 -8.69
C ASP C 38 -15.80 0.98 -7.61
N ILE C 39 -14.96 1.90 -7.11
CA ILE C 39 -14.01 1.55 -6.06
C ILE C 39 -14.74 1.13 -4.79
N GLU C 40 -15.68 1.96 -4.35
CA GLU C 40 -16.41 1.70 -3.11
C GLU C 40 -17.30 0.46 -3.20
N LYS C 41 -17.55 -0.05 -4.40
CA LYS C 41 -18.39 -1.23 -4.59
C LYS C 41 -17.62 -2.46 -5.06
N GLY C 42 -16.42 -2.28 -5.62
CA GLY C 42 -15.72 -3.35 -6.30
C GLY C 42 -14.61 -3.96 -5.46
N LYS C 43 -13.79 -4.78 -6.12
CA LYS C 43 -12.71 -5.52 -5.47
C LYS C 43 -11.47 -5.49 -6.38
N GLU C 44 -10.58 -4.54 -6.13
CA GLU C 44 -9.22 -4.52 -6.66
C GLU C 44 -9.15 -4.27 -8.16
N SER C 45 -10.22 -3.75 -8.78
CA SER C 45 -10.20 -3.50 -10.22
C SER C 45 -9.72 -2.10 -10.59
N VAL C 46 -9.51 -1.23 -9.60
CA VAL C 46 -9.09 0.14 -9.89
C VAL C 46 -7.66 0.14 -10.39
N ARG C 47 -7.36 1.05 -11.32
CA ARG C 47 -5.99 1.19 -11.78
C ARG C 47 -5.14 1.91 -10.74
N LEU C 48 -3.84 1.62 -10.76
CA LEU C 48 -2.96 2.05 -9.68
C LEU C 48 -2.87 3.57 -9.62
N ASN C 49 -2.60 4.21 -10.76
CA ASN C 49 -2.49 5.66 -10.78
C ASN C 49 -3.82 6.33 -10.42
N THR C 50 -4.94 5.70 -10.76
CA THR C 50 -6.24 6.23 -10.36
C THR C 50 -6.43 6.17 -8.86
N LEU C 51 -6.07 5.04 -8.24
CA LEU C 51 -6.25 4.88 -6.80
C LEU C 51 -5.38 5.87 -6.03
N LEU C 52 -4.15 6.09 -6.49
CA LEU C 52 -3.25 7.00 -5.78
C LEU C 52 -3.76 8.43 -5.79
N LYS C 53 -4.43 8.84 -6.87
CA LYS C 53 -5.04 10.17 -6.90
C LYS C 53 -6.16 10.29 -5.88
N VAL C 54 -6.87 9.20 -5.62
CA VAL C 54 -7.95 9.23 -4.63
C VAL C 54 -7.38 9.23 -3.22
N LEU C 55 -6.34 8.42 -2.97
CA LEU C 55 -5.74 8.36 -1.65
C LEU C 55 -5.11 9.68 -1.25
N ASP C 56 -4.58 10.43 -2.22
CA ASP C 56 -3.91 11.69 -1.89
C ASP C 56 -4.91 12.72 -1.38
N VAL C 57 -6.10 12.79 -1.97
CA VAL C 57 -7.12 13.72 -1.51
C VAL C 57 -7.50 13.42 -0.06
N LEU C 58 -7.58 12.13 0.27
CA LEU C 58 -7.97 11.70 1.61
C LEU C 58 -6.82 11.60 2.58
N ASN C 59 -5.61 12.01 2.17
CA ASN C 59 -4.43 12.01 3.02
C ASN C 59 -4.09 10.60 3.50
N ILE C 60 -4.18 9.63 2.59
CA ILE C 60 -3.81 8.25 2.86
C ILE C 60 -2.60 7.90 2.00
N GLN C 61 -1.59 7.30 2.62
CA GLN C 61 -0.38 6.89 1.93
C GLN C 61 -0.25 5.38 1.95
N ILE C 62 0.49 4.85 0.98
CA ILE C 62 0.71 3.41 0.84
C ILE C 62 2.13 3.11 1.34
N LYS C 63 2.22 2.19 2.32
CA LYS C 63 3.49 1.66 2.77
C LYS C 63 3.54 0.17 2.47
N PHE C 64 4.74 -0.33 2.21
CA PHE C 64 4.95 -1.70 1.78
C PHE C 64 5.64 -2.50 2.89
N GLU C 65 5.05 -3.63 3.25
CA GLU C 65 5.67 -4.57 4.17
C GLU C 65 6.55 -5.53 3.37
N THR C 66 7.85 -5.46 3.59
CA THR C 66 8.79 -6.25 2.82
C THR C 66 9.38 -7.37 3.67
N PRO C 67 9.69 -8.53 3.07
CA PRO C 67 10.20 -9.65 3.87
C PRO C 67 11.59 -9.42 4.43
N PHE C 68 12.36 -8.50 3.86
CA PHE C 68 13.69 -8.17 4.34
C PHE C 68 14.02 -6.75 3.90
N PRO C 69 14.87 -6.04 4.64
CA PRO C 69 15.58 -6.44 5.86
C PRO C 69 14.81 -6.15 7.14
N GLN C 70 15.10 -6.88 8.21
CA GLN C 70 14.53 -6.63 9.53
C GLN C 70 15.24 -7.44 10.60
N GLY D 1 -37.33 -13.61 15.11
CA GLY D 1 -36.36 -13.95 16.14
C GLY D 1 -34.95 -14.07 15.59
N MET D 2 -34.07 -13.17 16.01
CA MET D 2 -32.70 -13.17 15.51
C MET D 2 -31.88 -14.24 16.22
N PRO D 3 -31.15 -15.07 15.49
CA PRO D 3 -30.36 -16.13 16.14
C PRO D 3 -29.23 -15.56 16.97
N LYS D 4 -28.69 -16.42 17.85
CA LYS D 4 -27.75 -15.99 18.87
C LYS D 4 -26.39 -15.60 18.31
N HIS D 5 -26.04 -16.07 17.11
CA HIS D 5 -24.73 -15.80 16.54
C HIS D 5 -24.81 -15.01 15.23
N GLU D 6 -25.91 -14.28 15.01
CA GLU D 6 -26.01 -13.47 13.80
C GLU D 6 -25.03 -12.31 13.83
N ILE D 7 -24.93 -11.63 14.98
CA ILE D 7 -24.07 -10.46 15.08
C ILE D 7 -22.60 -10.86 15.07
N ALA D 8 -22.28 -12.01 15.67
CA ALA D 8 -20.90 -12.46 15.75
C ALA D 8 -20.31 -12.65 14.36
N ASN D 9 -21.02 -13.38 13.49
CA ASN D 9 -20.51 -13.61 12.14
C ASN D 9 -20.64 -12.38 11.26
N LEU D 10 -21.65 -11.54 11.52
CA LEU D 10 -21.79 -10.30 10.75
C LEU D 10 -20.57 -9.41 10.95
N ILE D 11 -20.21 -9.15 12.20
CA ILE D 11 -19.05 -8.31 12.48
C ILE D 11 -17.77 -8.99 12.01
N HIS D 12 -17.65 -10.29 12.24
CA HIS D 12 -16.43 -10.99 11.86
C HIS D 12 -16.25 -10.98 10.34
N TYR D 13 -17.26 -11.42 9.59
CA TYR D 13 -17.12 -11.55 8.15
C TYR D 13 -16.76 -10.21 7.50
N TYR D 14 -17.48 -9.15 7.87
CA TYR D 14 -17.26 -7.86 7.23
C TYR D 14 -16.02 -7.14 7.74
N ARG D 15 -15.52 -7.51 8.92
CA ARG D 15 -14.21 -7.03 9.34
C ARG D 15 -13.11 -7.74 8.58
N LYS D 16 -13.22 -9.06 8.42
CA LYS D 16 -12.23 -9.80 7.64
C LYS D 16 -12.23 -9.36 6.18
N GLN D 17 -13.42 -9.17 5.60
CA GLN D 17 -13.52 -8.70 4.23
C GLN D 17 -13.03 -7.27 4.07
N SER D 18 -12.95 -6.50 5.15
CA SER D 18 -12.45 -5.13 5.11
C SER D 18 -10.96 -5.05 5.44
N GLY D 19 -10.30 -6.17 5.70
CA GLY D 19 -8.88 -6.17 5.97
C GLY D 19 -8.46 -5.52 7.27
N LEU D 20 -9.41 -5.34 8.19
CA LEU D 20 -9.12 -4.70 9.47
C LEU D 20 -8.85 -5.75 10.53
N SER D 21 -7.82 -5.52 11.35
CA SER D 21 -7.58 -6.37 12.50
C SER D 21 -8.58 -6.03 13.60
N GLN D 22 -8.59 -6.85 14.65
CA GLN D 22 -9.48 -6.60 15.78
C GLN D 22 -9.15 -5.28 16.45
N GLN D 23 -7.85 -4.98 16.61
CA GLN D 23 -7.46 -3.72 17.22
C GLN D 23 -7.71 -2.55 16.28
N GLU D 24 -7.55 -2.76 14.98
CA GLU D 24 -7.82 -1.68 14.02
C GLU D 24 -9.29 -1.29 14.02
N LEU D 25 -10.18 -2.28 14.04
CA LEU D 25 -11.61 -1.98 14.10
C LEU D 25 -12.00 -1.34 15.42
N ALA D 26 -11.30 -1.69 16.50
CA ALA D 26 -11.62 -1.12 17.81
C ALA D 26 -11.26 0.36 17.88
N ARG D 27 -10.09 0.73 17.35
CA ARG D 27 -9.67 2.12 17.41
C ARG D 27 -10.52 3.00 16.50
N LEU D 28 -10.96 2.49 15.36
CA LEU D 28 -11.84 3.25 14.48
C LEU D 28 -13.20 3.48 15.16
N ALA D 29 -13.76 2.42 15.76
CA ALA D 29 -15.03 2.54 16.45
C ALA D 29 -14.91 3.19 17.83
N GLY D 30 -13.69 3.42 18.30
CA GLY D 30 -13.50 4.05 19.59
C GLY D 30 -13.86 3.18 20.78
N VAL D 31 -13.79 1.86 20.62
CA VAL D 31 -14.10 0.93 21.69
C VAL D 31 -12.87 0.08 21.97
N GLY D 32 -12.94 -0.69 23.05
CA GLY D 32 -11.83 -1.56 23.41
C GLY D 32 -11.71 -2.73 22.45
N LYS D 33 -10.48 -3.24 22.31
CA LYS D 33 -10.25 -4.37 21.43
C LYS D 33 -10.90 -5.63 21.97
N THR D 34 -10.90 -5.80 23.29
CA THR D 34 -11.60 -6.93 23.91
C THR D 34 -13.08 -6.93 23.55
N VAL D 35 -13.68 -5.74 23.41
CA VAL D 35 -15.07 -5.64 22.99
C VAL D 35 -15.27 -6.28 21.62
N ILE D 36 -14.36 -5.98 20.68
CA ILE D 36 -14.45 -6.60 19.35
C ILE D 36 -14.31 -8.12 19.47
N TYR D 37 -13.41 -8.58 20.33
CA TYR D 37 -13.25 -10.01 20.53
C TYR D 37 -14.52 -10.62 21.11
N ASP D 38 -15.14 -9.94 22.07
CA ASP D 38 -16.33 -10.49 22.72
C ASP D 38 -17.52 -10.55 21.76
N ILE D 39 -17.65 -9.54 20.89
CA ILE D 39 -18.74 -9.55 19.91
C ILE D 39 -18.61 -10.74 18.98
N GLU D 40 -17.42 -10.94 18.42
CA GLU D 40 -17.20 -12.02 17.46
C GLU D 40 -17.27 -13.41 18.12
N LYS D 41 -17.11 -13.49 19.44
CA LYS D 41 -17.27 -14.77 20.12
C LYS D 41 -18.73 -15.08 20.45
N GLY D 42 -19.64 -14.13 20.24
CA GLY D 42 -21.07 -14.41 20.29
C GLY D 42 -21.84 -13.73 21.40
N LYS D 43 -21.20 -13.10 22.39
CA LYS D 43 -21.93 -12.55 23.52
C LYS D 43 -22.74 -11.34 23.07
N GLU D 44 -24.05 -11.38 23.33
CA GLU D 44 -24.97 -10.34 22.92
C GLU D 44 -25.18 -9.28 23.99
N SER D 45 -24.44 -9.34 25.10
CA SER D 45 -24.49 -8.26 26.08
C SER D 45 -23.78 -7.00 25.59
N VAL D 46 -23.26 -7.01 24.36
CA VAL D 46 -22.69 -5.80 23.79
C VAL D 46 -23.72 -4.69 23.78
N ARG D 47 -23.31 -3.50 24.18
CA ARG D 47 -24.24 -2.39 24.29
C ARG D 47 -24.62 -1.87 22.92
N LEU D 48 -25.82 -1.28 22.84
CA LEU D 48 -26.36 -0.84 21.55
C LEU D 48 -25.50 0.25 20.94
N ASN D 49 -25.17 1.28 21.73
CA ASN D 49 -24.32 2.35 21.21
C ASN D 49 -22.93 1.83 20.87
N THR D 50 -22.44 0.83 21.60
CA THR D 50 -21.17 0.21 21.26
C THR D 50 -21.26 -0.50 19.92
N LEU D 51 -22.37 -1.21 19.67
CA LEU D 51 -22.54 -1.91 18.41
C LEU D 51 -22.63 -0.94 17.24
N LEU D 52 -23.38 0.16 17.42
CA LEU D 52 -23.59 1.10 16.32
C LEU D 52 -22.28 1.74 15.87
N LYS D 53 -21.35 1.95 16.79
CA LYS D 53 -20.05 2.50 16.41
C LYS D 53 -19.25 1.51 15.58
N VAL D 54 -19.37 0.22 15.90
CA VAL D 54 -18.67 -0.81 15.13
C VAL D 54 -19.32 -0.98 13.76
N LEU D 55 -20.66 -0.95 13.71
CA LEU D 55 -21.36 -1.11 12.44
C LEU D 55 -21.08 0.04 11.49
N ASP D 56 -21.05 1.28 12.02
CA ASP D 56 -20.85 2.44 11.16
C ASP D 56 -19.48 2.41 10.49
N VAL D 57 -18.48 1.84 11.17
CA VAL D 57 -17.16 1.71 10.56
C VAL D 57 -17.20 0.71 9.41
N LEU D 58 -17.97 -0.36 9.56
CA LEU D 58 -18.09 -1.39 8.55
C LEU D 58 -19.15 -1.07 7.49
N ASN D 59 -19.74 0.13 7.55
CA ASN D 59 -20.78 0.55 6.60
C ASN D 59 -21.98 -0.39 6.65
N ILE D 60 -22.35 -0.80 7.86
CA ILE D 60 -23.54 -1.62 8.09
C ILE D 60 -24.55 -0.77 8.87
N GLN D 61 -25.77 -0.71 8.35
CA GLN D 61 -26.85 0.04 8.99
C GLN D 61 -27.93 -0.91 9.48
N ILE D 62 -28.64 -0.49 10.52
CA ILE D 62 -29.72 -1.28 11.09
C ILE D 62 -31.04 -0.83 10.47
N LYS D 63 -31.79 -1.77 9.92
CA LYS D 63 -33.13 -1.53 9.44
C LYS D 63 -34.11 -2.43 10.19
N PHE D 64 -35.31 -1.91 10.44
CA PHE D 64 -36.28 -2.58 11.29
C PHE D 64 -37.44 -3.11 10.45
N GLU D 65 -37.76 -4.39 10.64
CA GLU D 65 -38.96 -4.98 10.07
C GLU D 65 -40.14 -4.68 10.98
N THR D 66 -41.03 -3.80 10.53
CA THR D 66 -42.16 -3.49 11.40
C THR D 66 -43.42 -4.23 10.93
N PRO D 67 -44.29 -4.62 11.87
CA PRO D 67 -45.49 -5.37 11.47
C PRO D 67 -46.55 -4.52 10.79
N PHE D 68 -46.56 -3.21 11.02
CA PHE D 68 -47.49 -2.31 10.35
C PHE D 68 -46.81 -0.97 10.16
N PRO D 69 -47.15 -0.21 9.11
CA PRO D 69 -48.14 -0.53 8.06
C PRO D 69 -47.56 -1.47 7.01
N GLN D 70 -48.37 -1.88 6.03
CA GLN D 70 -47.92 -2.81 5.01
C GLN D 70 -46.79 -2.24 4.17
CL CL E . 27.94 -1.92 -11.53
CL CL F . 15.91 15.35 1.19
CL CL G . 16.84 -7.19 -15.10
CL CL H . 1.72 -12.41 -22.34
CL CL I . -2.43 -9.56 4.30
CL CL J . -23.15 -13.26 8.31
#